data_2F9J
#
_entry.id   2F9J
#
_cell.length_a   71.271
_cell.length_b   71.271
_cell.length_c   102.284
_cell.angle_alpha   90.00
_cell.angle_beta   90.00
_cell.angle_gamma   90.00
#
_symmetry.space_group_name_H-M   'P 41'
#
loop_
_entity.id
_entity.type
_entity.pdbx_description
1 polymer 'Pre-mRNA branch site protein p14'
2 polymer 'Splicing factor 3B subunit 1'
3 water water
#
loop_
_entity_poly.entity_id
_entity_poly.type
_entity_poly.pdbx_seq_one_letter_code
_entity_poly.pdbx_strand_id
1 'polypeptide(L)'
;MAMQAAKRANIRLPPEVNRILMIRNLPYKITAEEMYDIFGKYGPIRQIRVGNTPETRGTAYVVYEDIFDAKNACDHLSGF
NVCNRYLVVLYYNANRAFQKMDTKKKEEQLKLLKEKYGINTDPPK
;
A,B
2 'polypeptide(L)' GEQLQAWRWEREIDERNRPLSDEELDAMFPEGYKVL P,Q
#
# COMPACT_ATOMS: atom_id res chain seq x y z
N ARG A 12 0.41 25.36 9.52
CA ARG A 12 0.54 26.17 8.27
C ARG A 12 0.73 25.37 6.93
N LEU A 13 1.88 24.71 6.69
CA LEU A 13 2.15 24.11 5.35
C LEU A 13 2.63 22.63 5.25
N PRO A 14 1.89 21.80 4.46
CA PRO A 14 2.16 20.36 4.27
C PRO A 14 3.55 20.00 3.70
N PRO A 15 3.94 18.71 3.75
CA PRO A 15 5.31 18.26 3.50
C PRO A 15 5.76 18.40 2.05
N GLU A 16 4.81 18.51 1.13
CA GLU A 16 5.17 18.57 -0.28
C GLU A 16 5.51 19.99 -0.74
N VAL A 17 5.09 21.00 0.03
CA VAL A 17 5.27 22.38 -0.40
C VAL A 17 6.73 22.78 -0.37
N ASN A 18 7.13 23.43 -1.46
CA ASN A 18 8.51 23.62 -1.83
C ASN A 18 8.63 25.00 -2.45
N ARG A 19 9.83 25.54 -2.45
CA ARG A 19 10.09 26.84 -3.04
C ARG A 19 10.06 26.81 -4.56
N ILE A 20 10.31 25.63 -5.14
CA ILE A 20 10.42 25.47 -6.58
C ILE A 20 9.12 24.93 -7.13
N LEU A 21 8.65 25.54 -8.22
CA LEU A 21 7.41 25.11 -8.85
C LEU A 21 7.72 24.53 -10.21
N MET A 22 6.93 23.52 -10.58
CA MET A 22 7.07 22.87 -11.86
C MET A 22 5.87 23.26 -12.72
N ILE A 23 6.13 23.85 -13.88
CA ILE A 23 5.06 24.35 -14.70
C ILE A 23 4.96 23.49 -15.92
N ARG A 24 3.74 23.12 -16.29
CA ARG A 24 3.50 22.42 -17.54
C ARG A 24 2.41 23.15 -18.34
N ASN A 25 2.40 22.91 -19.65
CA ASN A 25 1.47 23.55 -20.59
C ASN A 25 1.67 25.05 -20.74
N LEU A 26 2.93 25.49 -20.73
CA LEU A 26 3.29 26.87 -21.09
C LEU A 26 3.12 27.14 -22.57
N PRO A 27 2.66 28.36 -22.93
CA PRO A 27 2.70 28.68 -24.37
C PRO A 27 4.14 28.65 -24.84
N TYR A 28 4.34 28.21 -26.08
CA TYR A 28 5.71 28.06 -26.58
C TYR A 28 6.43 29.41 -26.72
N LYS A 29 5.74 30.45 -27.15
CA LYS A 29 6.41 31.69 -27.52
C LYS A 29 6.48 32.72 -26.37
N ILE A 30 6.61 32.22 -25.14
CA ILE A 30 6.51 33.07 -23.97
C ILE A 30 7.85 33.69 -23.63
N THR A 31 7.87 35.01 -23.41
CA THR A 31 9.11 35.75 -23.16
C THR A 31 9.51 35.71 -21.69
N ALA A 32 10.78 35.98 -21.42
CA ALA A 32 11.27 36.10 -20.05
C ALA A 32 10.42 37.09 -19.27
N GLU A 33 10.22 38.26 -19.88
CA GLU A 33 9.37 39.29 -19.33
C GLU A 33 8.07 38.70 -18.82
N GLU A 34 7.34 38.05 -19.72
CA GLU A 34 6.03 37.50 -19.42
C GLU A 34 6.01 36.49 -18.28
N MET A 35 7.03 35.63 -18.24
CA MET A 35 7.20 34.67 -17.15
C MET A 35 7.27 35.41 -15.82
N TYR A 36 8.25 36.32 -15.72
CA TYR A 36 8.48 37.11 -14.51
C TYR A 36 7.24 37.90 -14.14
N ASP A 37 6.54 38.39 -15.15
CA ASP A 37 5.31 39.12 -14.94
C ASP A 37 4.27 38.20 -14.27
N ILE A 38 4.01 37.05 -14.88
CA ILE A 38 3.01 36.12 -14.38
C ILE A 38 3.31 35.59 -12.98
N PHE A 39 4.51 35.04 -12.81
CA PHE A 39 4.91 34.39 -11.56
C PHE A 39 5.43 35.34 -10.49
N GLY A 40 6.04 36.43 -10.90
CA GLY A 40 6.66 37.35 -9.95
C GLY A 40 5.65 38.09 -9.09
N LYS A 41 4.41 38.13 -9.57
CA LYS A 41 3.31 38.80 -8.85
C LYS A 41 3.25 38.30 -7.41
N TYR A 42 3.62 37.04 -7.19
CA TYR A 42 3.46 36.40 -5.88
C TYR A 42 4.66 36.54 -4.93
N GLY A 43 5.71 37.22 -5.37
CA GLY A 43 6.93 37.38 -4.56
C GLY A 43 8.24 37.22 -5.34
N PRO A 44 9.32 37.81 -4.79
CA PRO A 44 10.64 37.84 -5.44
C PRO A 44 11.06 36.46 -5.93
N ILE A 45 11.58 36.43 -7.16
CA ILE A 45 11.94 35.21 -7.90
C ILE A 45 13.45 34.95 -7.82
N ARG A 46 13.85 33.75 -7.40
CA ARG A 46 15.26 33.35 -7.36
C ARG A 46 15.75 33.12 -8.76
N GLN A 47 15.02 32.28 -9.50
CA GLN A 47 15.22 32.14 -10.95
C GLN A 47 14.10 31.35 -11.60
N ILE A 48 14.18 31.29 -12.94
CA ILE A 48 13.25 30.57 -13.79
C ILE A 48 14.08 29.86 -14.84
N ARG A 49 13.96 28.54 -14.89
CA ARG A 49 14.48 27.78 -16.01
C ARG A 49 13.32 27.46 -16.93
N VAL A 50 13.56 27.48 -18.23
CA VAL A 50 12.51 27.25 -19.24
C VAL A 50 12.92 26.16 -20.22
N GLY A 51 12.01 25.21 -20.44
CA GLY A 51 12.26 24.09 -21.34
C GLY A 51 12.54 24.57 -22.75
N ASN A 52 13.64 24.06 -23.33
CA ASN A 52 14.08 24.52 -24.66
C ASN A 52 14.51 23.42 -25.64
N THR A 53 14.21 22.16 -25.32
CA THR A 53 14.44 21.03 -26.23
C THR A 53 13.09 20.37 -26.52
N PRO A 54 12.98 19.61 -27.62
CA PRO A 54 11.67 19.02 -27.97
C PRO A 54 10.98 18.32 -26.81
N GLU A 55 11.73 17.55 -26.04
CA GLU A 55 11.16 16.80 -24.93
C GLU A 55 10.76 17.69 -23.75
N THR A 56 11.13 18.95 -23.78
CA THR A 56 10.89 19.82 -22.61
C THR A 56 10.13 21.15 -22.88
N ARG A 57 10.06 21.56 -24.14
CA ARG A 57 9.24 22.72 -24.55
C ARG A 57 7.86 22.71 -23.90
N GLY A 58 7.46 23.83 -23.32
CA GLY A 58 6.15 23.91 -22.71
C GLY A 58 6.17 23.71 -21.21
N THR A 59 7.31 23.25 -20.69
CA THR A 59 7.47 23.11 -19.24
C THR A 59 8.46 24.14 -18.75
N ALA A 60 8.48 24.37 -17.45
CA ALA A 60 9.39 25.34 -16.82
C ALA A 60 9.50 25.10 -15.32
N TYR A 61 10.57 25.61 -14.72
CA TYR A 61 10.72 25.61 -13.28
C TYR A 61 10.91 27.06 -12.83
N VAL A 62 10.04 27.50 -11.92
CA VAL A 62 10.22 28.80 -11.32
C VAL A 62 10.56 28.66 -9.84
N VAL A 63 11.63 29.33 -9.44
CA VAL A 63 12.13 29.21 -8.09
C VAL A 63 11.87 30.48 -7.34
N TYR A 64 11.17 30.35 -6.22
CA TYR A 64 10.88 31.50 -5.38
C TYR A 64 11.93 31.71 -4.31
N GLU A 65 12.16 32.96 -3.93
CA GLU A 65 13.06 33.23 -2.81
C GLU A 65 12.47 32.77 -1.46
N ASP A 66 11.15 32.77 -1.36
CA ASP A 66 10.48 32.45 -0.10
C ASP A 66 9.37 31.42 -0.25
N ILE A 67 9.37 30.42 0.63
CA ILE A 67 8.44 29.28 0.50
C ILE A 67 6.96 29.66 0.63
N PHE A 68 6.67 30.72 1.38
CA PHE A 68 5.30 31.19 1.50
C PHE A 68 4.79 31.79 0.20
N ASP A 69 5.65 32.52 -0.50
CA ASP A 69 5.33 33.05 -1.81
C ASP A 69 5.02 31.92 -2.75
N ALA A 70 5.95 30.96 -2.85
CA ALA A 70 5.73 29.73 -3.63
C ALA A 70 4.37 29.10 -3.33
N LYS A 71 4.07 28.87 -2.05
CA LYS A 71 2.79 28.26 -1.64
C LYS A 71 1.58 29.05 -2.13
N ASN A 72 1.67 30.37 -2.04
CA ASN A 72 0.62 31.25 -2.49
C ASN A 72 0.43 31.16 -4.01
N ALA A 73 1.54 31.24 -4.74
CA ALA A 73 1.53 31.20 -6.20
C ALA A 73 0.94 29.90 -6.72
N CYS A 74 1.31 28.80 -6.08
CA CYS A 74 0.89 27.47 -6.48
C CYS A 74 -0.62 27.32 -6.32
N ASP A 75 -1.16 27.90 -5.25
CA ASP A 75 -2.60 27.94 -5.01
C ASP A 75 -3.32 28.69 -6.12
N HIS A 76 -2.82 29.88 -6.42
CA HIS A 76 -3.49 30.78 -7.33
C HIS A 76 -3.30 30.41 -8.80
N LEU A 77 -2.19 29.77 -9.14
CA LEU A 77 -1.83 29.62 -10.55
C LEU A 77 -2.14 28.26 -11.16
N SER A 78 -2.30 27.24 -10.31
CA SER A 78 -2.65 25.92 -10.78
C SER A 78 -4.00 26.00 -11.48
N GLY A 79 -4.01 25.70 -12.78
CA GLY A 79 -5.23 25.70 -13.56
C GLY A 79 -5.64 27.09 -14.00
N PHE A 80 -4.77 28.06 -13.75
CA PHE A 80 -5.02 29.44 -14.16
C PHE A 80 -4.83 29.58 -15.66
N ASN A 81 -5.79 30.22 -16.32
CA ASN A 81 -5.69 30.42 -17.75
C ASN A 81 -4.72 31.54 -18.13
N VAL A 82 -3.76 31.21 -19.00
CA VAL A 82 -2.94 32.19 -19.73
C VAL A 82 -2.91 31.84 -21.22
N CYS A 83 -2.90 32.87 -22.06
CA CYS A 83 -3.09 32.71 -23.51
C CYS A 83 -4.35 31.88 -23.75
N ASN A 84 -4.20 30.73 -24.39
CA ASN A 84 -5.37 29.91 -24.56
C ASN A 84 -5.28 28.56 -23.91
N ARG A 85 -4.66 28.55 -22.73
CA ARG A 85 -4.36 27.30 -22.03
C ARG A 85 -4.42 27.44 -20.52
N TYR A 86 -4.82 26.37 -19.86
CA TYR A 86 -4.81 26.30 -18.42
C TYR A 86 -3.44 25.79 -17.98
N LEU A 87 -2.72 26.59 -17.21
CA LEU A 87 -1.43 26.14 -16.69
C LEU A 87 -1.60 24.98 -15.71
N VAL A 88 -0.70 24.02 -15.81
CA VAL A 88 -0.54 23.03 -14.77
C VAL A 88 0.64 23.50 -13.93
N VAL A 89 0.41 23.78 -12.65
CA VAL A 89 1.53 24.08 -11.75
C VAL A 89 1.57 23.11 -10.57
N LEU A 90 2.74 22.51 -10.34
CA LEU A 90 2.93 21.55 -9.24
C LEU A 90 4.19 21.90 -8.46
N TYR A 91 4.24 21.50 -7.19
CA TYR A 91 5.43 21.68 -6.39
C TYR A 91 6.55 20.83 -6.94
N TYR A 92 7.77 21.32 -6.82
CA TYR A 92 8.94 20.58 -7.28
C TYR A 92 9.02 19.26 -6.54
N ASN A 93 9.57 18.28 -7.23
CA ASN A 93 9.86 16.99 -6.64
C ASN A 93 11.04 16.34 -7.35
N ALA A 94 12.12 16.14 -6.61
CA ALA A 94 13.38 15.62 -7.14
C ALA A 94 13.19 14.34 -7.96
N ASN A 95 12.34 13.44 -7.47
CA ASN A 95 12.07 12.19 -8.16
C ASN A 95 11.38 12.41 -9.50
N ARG A 96 10.25 13.10 -9.48
CA ARG A 96 9.51 13.41 -10.71
C ARG A 96 10.39 14.15 -11.72
N ALA A 97 11.23 15.06 -11.23
CA ALA A 97 12.04 15.90 -12.08
C ALA A 97 13.12 15.10 -12.81
N PHE A 98 13.46 13.93 -12.27
CA PHE A 98 14.49 13.08 -12.86
C PHE A 98 13.97 11.72 -13.32
N GLN A 99 12.73 11.71 -13.81
CA GLN A 99 12.09 10.50 -14.32
C GLN A 99 12.68 10.02 -15.64
N LYS A 100 12.89 10.95 -16.57
CA LYS A 100 13.41 10.59 -17.90
C LYS A 100 14.87 10.13 -17.87
N MET A 101 15.47 10.09 -16.68
CA MET A 101 16.79 9.51 -16.46
C MET A 101 16.66 7.99 -16.45
N ASP A 102 17.60 7.30 -17.10
CA ASP A 102 17.60 5.84 -17.15
C ASP A 102 17.60 5.28 -15.74
N THR A 103 16.76 4.25 -15.51
CA THR A 103 16.45 3.75 -14.17
C THR A 103 17.64 3.72 -13.20
N LYS A 104 18.81 3.38 -13.72
CA LYS A 104 20.02 3.22 -12.91
C LYS A 104 20.71 4.55 -12.56
N LYS A 105 20.95 5.39 -13.58
CA LYS A 105 21.67 6.67 -13.40
C LYS A 105 20.92 7.68 -12.56
N LYS A 106 19.61 7.46 -12.43
CA LYS A 106 18.71 8.22 -11.56
C LYS A 106 19.27 8.23 -10.13
N GLU A 107 19.56 7.04 -9.63
CA GLU A 107 20.01 6.83 -8.25
C GLU A 107 21.15 7.75 -7.82
N GLU A 108 22.17 7.88 -8.68
CA GLU A 108 23.33 8.71 -8.40
C GLU A 108 22.90 10.12 -8.04
N GLN A 109 22.18 10.75 -8.96
CA GLN A 109 21.71 12.12 -8.76
C GLN A 109 20.77 12.20 -7.56
N LEU A 110 19.81 11.26 -7.51
CA LEU A 110 18.82 11.21 -6.43
C LEU A 110 19.50 11.13 -5.07
N LYS A 111 20.53 10.29 -4.99
CA LYS A 111 21.27 10.14 -3.76
C LYS A 111 22.26 11.29 -3.57
N LEU A 112 22.82 11.79 -4.67
CA LEU A 112 23.74 12.95 -4.62
C LEU A 112 23.05 14.13 -3.96
N LEU A 113 21.81 14.37 -4.37
CA LEU A 113 21.02 15.48 -3.86
C LEU A 113 20.69 15.29 -2.39
N LYS A 114 20.18 14.09 -2.05
CA LYS A 114 19.80 13.80 -0.67
C LYS A 114 20.99 13.85 0.28
N GLU A 115 22.19 13.61 -0.25
CA GLU A 115 23.39 13.64 0.58
C GLU A 115 24.02 15.02 0.66
N LYS A 116 24.30 15.63 -0.47
CA LYS A 116 24.93 16.95 -0.48
C LYS A 116 24.01 18.02 0.09
N TYR A 117 22.78 18.09 -0.41
CA TYR A 117 21.90 19.22 -0.09
C TYR A 117 20.69 18.86 0.75
N GLY A 118 20.65 17.62 1.22
CA GLY A 118 19.62 17.17 2.16
C GLY A 118 18.18 17.25 1.70
N ILE A 119 17.95 17.71 0.47
CA ILE A 119 16.59 17.82 -0.06
C ILE A 119 16.00 16.43 -0.35
N ASN A 120 14.68 16.33 -0.18
CA ASN A 120 13.99 15.05 -0.21
C ASN A 120 13.99 14.34 -1.57
N THR A 121 14.20 13.03 -1.53
CA THR A 121 14.33 12.21 -2.74
C THR A 121 13.07 11.41 -3.08
N ASP A 122 12.15 11.31 -2.13
CA ASP A 122 10.98 10.42 -2.25
C ASP A 122 10.06 10.75 -3.43
N PRO A 123 9.52 9.70 -4.10
CA PRO A 123 8.60 9.84 -5.23
C PRO A 123 7.37 10.68 -4.89
N PRO A 124 6.78 11.36 -5.89
CA PRO A 124 5.58 12.17 -5.65
C PRO A 124 4.42 11.30 -5.18
N LYS A 125 4.41 11.00 -3.88
CA LYS A 125 3.41 10.10 -3.33
C LYS A 125 2.22 10.89 -2.80
N GLU B 2 1.84 19.24 21.94
CA GLU B 2 2.41 19.49 20.59
C GLU B 2 3.38 20.68 20.59
N GLN B 3 3.84 21.05 21.78
CA GLN B 3 4.92 22.00 21.93
C GLN B 3 6.13 21.52 21.15
N LEU B 4 6.28 20.20 21.07
CA LEU B 4 7.33 19.54 20.31
C LEU B 4 6.92 19.36 18.85
N GLN B 5 5.63 19.30 18.58
CA GLN B 5 5.14 19.21 17.21
C GLN B 5 5.21 20.55 16.51
N ALA B 6 4.87 21.60 17.26
CA ALA B 6 4.84 22.96 16.74
C ALA B 6 6.25 23.42 16.37
N TRP B 7 7.16 23.42 17.35
CA TRP B 7 8.59 23.42 17.03
C TRP B 7 8.69 22.12 16.28
N ARG B 8 9.58 22.00 15.29
CA ARG B 8 9.62 20.76 14.53
C ARG B 8 8.98 21.02 13.18
N TRP B 9 7.72 21.47 13.20
CA TRP B 9 7.09 22.03 11.99
C TRP B 9 7.80 23.34 11.67
N GLU B 10 7.78 24.25 12.65
CA GLU B 10 8.52 25.50 12.61
C GLU B 10 9.93 25.28 12.09
N ARG B 11 10.60 24.25 12.60
CA ARG B 11 11.97 23.95 12.19
C ARG B 11 12.00 23.36 10.78
N GLU B 12 10.96 22.61 10.41
CA GLU B 12 10.91 22.01 9.08
C GLU B 12 10.73 23.10 8.04
N ILE B 13 9.75 23.97 8.25
CA ILE B 13 9.45 25.04 7.29
C ILE B 13 10.70 25.89 7.06
N ASP B 14 11.57 25.93 8.05
CA ASP B 14 12.71 26.84 8.04
C ASP B 14 13.91 26.32 7.25
N GLU B 15 14.12 25.00 7.28
CA GLU B 15 15.17 24.36 6.50
C GLU B 15 14.78 24.46 5.04
N ARG B 16 13.49 24.37 4.79
CA ARG B 16 12.94 24.54 3.45
C ARG B 16 12.93 26.01 3.01
N ASN B 17 13.38 26.91 3.89
CA ASN B 17 13.39 28.34 3.56
C ASN B 17 14.76 29.01 3.63
N ARG B 18 15.82 28.21 3.57
CA ARG B 18 17.19 28.68 3.59
C ARG B 18 17.60 29.20 2.22
N PRO B 19 18.41 30.27 2.15
CA PRO B 19 19.02 30.70 0.89
C PRO B 19 19.70 29.57 0.08
N LEU B 20 19.67 29.70 -1.25
CA LEU B 20 20.13 28.63 -2.14
C LEU B 20 21.23 29.12 -3.08
N SER B 21 22.30 28.33 -3.21
CA SER B 21 23.38 28.68 -4.13
C SER B 21 23.02 28.23 -5.53
N ASP B 22 23.46 29.00 -6.53
CA ASP B 22 23.31 28.60 -7.93
C ASP B 22 23.81 27.17 -8.13
N GLU B 23 24.91 26.86 -7.47
CA GLU B 23 25.51 25.54 -7.49
C GLU B 23 24.53 24.47 -6.97
N GLU B 24 23.87 24.77 -5.85
CA GLU B 24 22.83 23.92 -5.24
C GLU B 24 21.74 23.68 -6.29
N LEU B 25 21.24 24.78 -6.85
CA LEU B 25 20.18 24.77 -7.85
C LEU B 25 20.48 23.95 -9.11
N ASP B 26 21.71 23.98 -9.60
CA ASP B 26 22.05 23.28 -10.85
C ASP B 26 21.83 21.79 -10.75
N ALA B 27 22.22 21.23 -9.61
CA ALA B 27 22.05 19.80 -9.34
C ALA B 27 20.57 19.44 -9.18
N MET B 28 19.72 20.45 -9.04
CA MET B 28 18.29 20.27 -8.82
C MET B 28 17.53 19.87 -10.08
N PHE B 29 18.05 20.25 -11.25
CA PHE B 29 17.29 20.16 -12.48
C PHE B 29 17.88 19.23 -13.56
N PRO B 30 17.00 18.51 -14.29
CA PRO B 30 17.40 17.67 -15.41
C PRO B 30 17.87 18.53 -16.58
N GLU B 31 18.44 17.88 -17.59
CA GLU B 31 18.91 18.57 -18.79
C GLU B 31 17.77 19.20 -19.55
N GLY B 32 18.10 20.05 -20.51
CA GLY B 32 17.11 20.57 -21.45
C GLY B 32 16.42 21.86 -21.06
N TYR B 33 16.88 22.49 -20.00
CA TYR B 33 16.30 23.76 -19.56
C TYR B 33 17.32 24.88 -19.61
N LYS B 34 16.87 26.03 -20.07
CA LYS B 34 17.70 27.22 -20.19
C LYS B 34 17.27 28.23 -19.11
N VAL B 35 18.23 28.81 -18.40
CA VAL B 35 17.93 29.75 -17.32
C VAL B 35 17.62 31.13 -17.86
N LEU B 36 16.41 31.60 -17.59
CA LEU B 36 15.98 32.93 -18.02
C LEU B 36 16.67 34.04 -17.26
N ARG C 12 -31.83 -28.40 12.28
CA ARG C 12 -30.51 -29.11 12.41
C ARG C 12 -29.31 -28.21 12.79
N LEU C 13 -28.77 -27.47 11.83
CA LEU C 13 -27.44 -26.82 12.01
C LEU C 13 -27.34 -25.31 11.70
N PRO C 14 -26.86 -24.52 12.67
CA PRO C 14 -26.71 -23.06 12.59
C PRO C 14 -25.79 -22.59 11.45
N PRO C 15 -25.89 -21.30 11.06
CA PRO C 15 -25.24 -20.84 9.83
C PRO C 15 -23.72 -20.77 9.88
N GLU C 16 -23.14 -20.83 11.07
CA GLU C 16 -21.67 -20.78 11.20
C GLU C 16 -21.01 -22.13 10.90
N VAL C 17 -21.79 -23.21 11.03
CA VAL C 17 -21.29 -24.58 10.89
C VAL C 17 -20.80 -24.85 9.47
N ASN C 18 -19.57 -25.35 9.40
CA ASN C 18 -18.80 -25.46 8.17
C ASN C 18 -18.02 -26.77 8.17
N ARG C 19 -17.64 -27.24 6.99
CA ARG C 19 -16.83 -28.48 6.88
C ARG C 19 -15.38 -28.30 7.29
N ILE C 20 -14.89 -27.07 7.25
CA ILE C 20 -13.51 -26.75 7.61
C ILE C 20 -13.45 -26.36 9.07
N LEU C 21 -12.48 -26.93 9.79
CA LEU C 21 -12.30 -26.61 11.18
C LEU C 21 -10.95 -25.93 11.36
N MET C 22 -10.91 -24.99 12.30
CA MET C 22 -9.72 -24.20 12.59
C MET C 22 -9.20 -24.62 13.97
N ILE C 23 -7.98 -25.13 14.01
CA ILE C 23 -7.47 -25.70 15.25
C ILE C 23 -6.36 -24.82 15.77
N ARG C 24 -6.41 -24.50 17.05
CA ARG C 24 -5.33 -23.79 17.72
C ARG C 24 -4.86 -24.60 18.93
N ASN C 25 -3.63 -24.34 19.39
CA ASN C 25 -3.05 -25.02 20.55
C ASN C 25 -2.71 -26.52 20.31
N LEU C 26 -2.31 -26.85 19.07
CA LEU C 26 -1.79 -28.18 18.74
C LEU C 26 -0.40 -28.40 19.29
N PRO C 27 -0.11 -29.60 19.80
CA PRO C 27 1.27 -29.93 20.13
C PRO C 27 2.18 -29.76 18.92
N TYR C 28 3.39 -29.29 19.18
CA TYR C 28 4.31 -28.93 18.13
C TYR C 28 4.75 -30.12 17.30
N LYS C 29 5.13 -31.20 17.95
CA LYS C 29 5.73 -32.31 17.24
C LYS C 29 4.69 -33.40 16.77
N ILE C 30 3.53 -32.95 16.31
CA ILE C 30 2.45 -33.90 16.05
C ILE C 30 2.52 -34.40 14.61
N THR C 31 2.47 -35.71 14.43
CA THR C 31 2.66 -36.31 13.10
C THR C 31 1.37 -36.31 12.27
N ALA C 32 1.52 -36.43 10.95
CA ALA C 32 0.36 -36.60 10.09
C ALA C 32 -0.57 -37.74 10.57
N GLU C 33 0.00 -38.91 10.88
CA GLU C 33 -0.83 -40.00 11.35
C GLU C 33 -1.65 -39.57 12.57
N GLU C 34 -0.98 -38.93 13.55
CA GLU C 34 -1.61 -38.51 14.80
C GLU C 34 -2.79 -37.58 14.57
N MET C 35 -2.63 -36.67 13.63
CA MET C 35 -3.70 -35.76 13.22
C MET C 35 -4.90 -36.54 12.68
N TYR C 36 -4.64 -37.37 11.67
CA TYR C 36 -5.66 -38.18 11.04
C TYR C 36 -6.32 -39.09 12.05
N ASP C 37 -5.52 -39.61 12.96
CA ASP C 37 -6.02 -40.42 14.07
C ASP C 37 -7.06 -39.63 14.91
N ILE C 38 -6.65 -38.47 15.40
CA ILE C 38 -7.45 -37.63 16.27
C ILE C 38 -8.73 -37.16 15.60
N PHE C 39 -8.60 -36.56 14.41
CA PHE C 39 -9.70 -35.88 13.75
C PHE C 39 -10.53 -36.78 12.87
N GLY C 40 -9.90 -37.82 12.32
CA GLY C 40 -10.56 -38.76 11.41
C GLY C 40 -11.60 -39.62 12.09
N LYS C 41 -11.43 -39.82 13.39
CA LYS C 41 -12.38 -40.55 14.21
C LYS C 41 -13.82 -40.17 13.86
N TYR C 42 -14.03 -38.92 13.47
CA TYR C 42 -15.38 -38.39 13.30
C TYR C 42 -15.91 -38.42 11.86
N GLY C 43 -15.10 -38.95 10.94
CA GLY C 43 -15.53 -39.12 9.54
C GLY C 43 -14.43 -38.84 8.54
N PRO C 44 -14.59 -39.35 7.31
CA PRO C 44 -13.64 -39.15 6.22
C PRO C 44 -13.17 -37.69 6.10
N ILE C 45 -11.86 -37.53 6.01
CA ILE C 45 -11.20 -36.22 5.94
C ILE C 45 -10.81 -35.89 4.50
N ARG C 46 -11.24 -34.71 4.02
CA ARG C 46 -10.83 -34.16 2.72
C ARG C 46 -9.34 -33.81 2.70
N GLN C 47 -8.90 -33.06 3.70
CA GLN C 47 -7.48 -32.83 3.93
C GLN C 47 -7.23 -32.12 5.22
N ILE C 48 -5.94 -32.01 5.54
CA ILE C 48 -5.48 -31.31 6.71
C ILE C 48 -4.28 -30.47 6.32
N ARG C 49 -4.39 -29.16 6.54
CA ARG C 49 -3.23 -28.25 6.44
C ARG C 49 -2.72 -27.99 7.83
N VAL C 50 -1.40 -27.94 7.98
CA VAL C 50 -0.79 -27.77 9.31
C VAL C 50 0.18 -26.61 9.32
N GLY C 51 0.04 -25.74 10.33
CA GLY C 51 0.91 -24.57 10.49
C GLY C 51 2.37 -24.95 10.57
N ASN C 52 3.20 -24.32 9.73
CA ASN C 52 4.62 -24.65 9.71
C ASN C 52 5.63 -23.48 9.68
N THR C 53 5.15 -22.25 9.95
CA THR C 53 6.00 -21.07 10.09
C THR C 53 5.84 -20.54 11.51
N PRO C 54 6.85 -19.84 12.04
CA PRO C 54 6.72 -19.29 13.40
C PRO C 54 5.35 -18.72 13.76
N GLU C 55 4.78 -17.90 12.88
CA GLU C 55 3.50 -17.24 13.16
C GLU C 55 2.32 -18.21 13.09
N THR C 56 2.52 -19.43 12.60
CA THR C 56 1.39 -20.36 12.49
C THR C 56 1.54 -21.74 13.12
N ARG C 57 2.74 -22.10 13.57
CA ARG C 57 2.88 -23.41 14.24
C ARG C 57 2.01 -23.50 15.48
N GLY C 58 1.35 -24.64 15.64
CA GLY C 58 0.44 -24.83 16.74
C GLY C 58 -1.00 -24.73 16.27
N THR C 59 -1.17 -24.27 15.03
CA THR C 59 -2.51 -24.16 14.44
C THR C 59 -2.64 -25.04 13.22
N ALA C 60 -3.87 -25.37 12.86
CA ALA C 60 -4.14 -26.24 11.70
C ALA C 60 -5.56 -26.07 11.15
N TYR C 61 -5.76 -26.49 9.92
CA TYR C 61 -7.10 -26.55 9.35
C TYR C 61 -7.36 -27.99 8.96
N VAL C 62 -8.44 -28.56 9.48
CA VAL C 62 -8.86 -29.88 9.05
C VAL C 62 -10.17 -29.76 8.27
N VAL C 63 -10.18 -30.38 7.09
CA VAL C 63 -11.33 -30.30 6.18
C VAL C 63 -12.01 -31.64 6.11
N TYR C 64 -13.30 -31.63 6.42
CA TYR C 64 -14.10 -32.83 6.41
C TYR C 64 -14.82 -33.00 5.09
N GLU C 65 -15.01 -34.26 4.69
CA GLU C 65 -15.79 -34.55 3.49
C GLU C 65 -17.26 -34.18 3.70
N ASP C 66 -17.76 -34.37 4.92
CA ASP C 66 -19.17 -34.17 5.18
C ASP C 66 -19.45 -33.23 6.35
N ILE C 67 -20.37 -32.29 6.13
CA ILE C 67 -20.68 -31.23 7.10
C ILE C 67 -21.13 -31.75 8.47
N PHE C 68 -21.86 -32.87 8.46
CA PHE C 68 -22.34 -33.44 9.71
C PHE C 68 -21.19 -34.00 10.54
N ASP C 69 -20.21 -34.59 9.86
CA ASP C 69 -18.99 -35.07 10.49
C ASP C 69 -18.28 -33.94 11.20
N ALA C 70 -17.99 -32.87 10.45
CA ALA C 70 -17.38 -31.66 11.02
C ALA C 70 -18.14 -31.18 12.25
N LYS C 71 -19.46 -31.06 12.14
CA LYS C 71 -20.32 -30.58 13.23
C LYS C 71 -20.12 -31.43 14.46
N ASN C 72 -20.07 -32.74 14.25
CA ASN C 72 -19.88 -33.69 15.33
C ASN C 72 -18.50 -33.53 15.98
N ALA C 73 -17.47 -33.53 15.13
CA ALA C 73 -16.08 -33.40 15.57
C ALA C 73 -15.83 -32.10 16.35
N CYS C 74 -16.43 -31.02 15.87
CA CYS C 74 -16.32 -29.72 16.51
C CYS C 74 -16.91 -29.71 17.92
N ASP C 75 -18.05 -30.39 18.09
CA ASP C 75 -18.69 -30.52 19.39
C ASP C 75 -17.81 -31.32 20.34
N HIS C 76 -17.26 -32.42 19.85
CA HIS C 76 -16.53 -33.32 20.71
C HIS C 76 -15.11 -32.89 21.03
N LEU C 77 -14.49 -32.13 20.13
CA LEU C 77 -13.06 -31.86 20.25
C LEU C 77 -12.69 -30.48 20.79
N SER C 78 -13.63 -29.55 20.74
CA SER C 78 -13.40 -28.23 21.31
C SER C 78 -13.14 -28.35 22.82
N GLY C 79 -11.94 -27.99 23.25
CA GLY C 79 -11.57 -28.08 24.65
C GLY C 79 -11.14 -29.46 25.08
N PHE C 80 -11.06 -30.38 24.13
CA PHE C 80 -10.66 -31.74 24.41
C PHE C 80 -9.16 -31.78 24.68
N ASN C 81 -8.79 -32.50 25.74
CA ASN C 81 -7.40 -32.64 26.10
C ASN C 81 -6.74 -33.63 25.15
N VAL C 82 -5.79 -33.16 24.34
CA VAL C 82 -4.92 -34.09 23.60
C VAL C 82 -3.50 -33.72 23.92
N CYS C 83 -2.77 -34.72 24.39
CA CYS C 83 -1.56 -34.48 25.14
C CYS C 83 -1.87 -33.45 26.20
N ASN C 84 -0.89 -32.76 26.72
CA ASN C 84 -1.25 -31.95 27.86
C ASN C 84 -1.72 -30.56 27.47
N ARG C 85 -2.61 -30.54 26.48
CA ARG C 85 -3.17 -29.31 25.93
C ARG C 85 -4.65 -29.48 25.64
N TYR C 86 -5.42 -28.44 25.94
CA TYR C 86 -6.81 -28.39 25.54
C TYR C 86 -6.89 -27.77 24.16
N LEU C 87 -7.38 -28.53 23.18
CA LEU C 87 -7.51 -28.00 21.84
C LEU C 87 -8.53 -26.88 21.78
N VAL C 88 -8.21 -25.88 20.96
CA VAL C 88 -9.13 -24.84 20.61
C VAL C 88 -9.60 -25.19 19.21
N VAL C 89 -10.88 -25.51 19.05
CA VAL C 89 -11.42 -25.74 17.69
C VAL C 89 -12.58 -24.82 17.39
N LEU C 90 -12.50 -24.12 16.26
CA LEU C 90 -13.57 -23.21 15.83
C LEU C 90 -13.90 -23.45 14.37
N TYR C 91 -15.14 -23.14 13.96
CA TYR C 91 -15.51 -23.25 12.55
C TYR C 91 -14.73 -22.24 11.74
N TYR C 92 -14.47 -22.59 10.50
CA TYR C 92 -13.72 -21.74 9.59
C TYR C 92 -14.50 -20.48 9.32
N ASN C 93 -13.76 -19.42 9.01
CA ASN C 93 -14.30 -18.09 8.82
C ASN C 93 -13.30 -17.30 7.99
N ALA C 94 -13.66 -17.06 6.73
CA ALA C 94 -12.81 -16.35 5.77
C ALA C 94 -12.16 -15.08 6.33
N ASN C 95 -12.95 -14.31 7.07
CA ASN C 95 -12.52 -13.07 7.69
C ASN C 95 -11.41 -13.33 8.71
N ARG C 96 -11.69 -14.18 9.69
CA ARG C 96 -10.71 -14.54 10.72
C ARG C 96 -9.45 -15.12 10.12
N ALA C 97 -9.61 -15.96 9.10
CA ALA C 97 -8.49 -16.66 8.49
C ALA C 97 -7.54 -15.72 7.77
N PHE C 98 -8.05 -14.54 7.40
CA PHE C 98 -7.25 -13.57 6.64
C PHE C 98 -7.03 -12.24 7.39
N GLN C 99 -6.90 -12.34 8.72
CA GLN C 99 -6.68 -11.16 9.56
C GLN C 99 -5.27 -10.60 9.46
N LYS C 100 -4.29 -11.50 9.46
CA LYS C 100 -2.88 -11.12 9.36
C LYS C 100 -2.54 -10.43 8.03
N MET C 101 -3.49 -10.41 7.10
CA MET C 101 -3.35 -9.67 5.85
C MET C 101 -3.46 -8.17 6.11
N ASP C 102 -2.59 -7.38 5.48
CA ASP C 102 -2.62 -5.94 5.69
C ASP C 102 -3.97 -5.37 5.26
N THR C 103 -4.47 -4.44 6.08
CA THR C 103 -5.84 -3.93 6.01
C THR C 103 -6.47 -3.87 4.60
N LYS C 104 -5.69 -3.39 3.62
CA LYS C 104 -6.19 -3.20 2.25
C LYS C 104 -6.22 -4.46 1.38
N LYS C 105 -5.13 -5.23 1.39
CA LYS C 105 -5.00 -6.41 0.52
C LYS C 105 -5.92 -7.56 0.92
N LYS C 106 -6.46 -7.46 2.14
CA LYS C 106 -7.49 -8.36 2.63
C LYS C 106 -8.71 -8.32 1.72
N GLU C 107 -9.19 -7.12 1.41
CA GLU C 107 -10.35 -6.89 0.55
C GLU C 107 -10.38 -7.74 -0.70
N GLU C 108 -9.27 -7.74 -1.42
CA GLU C 108 -9.14 -8.43 -2.70
C GLU C 108 -9.49 -9.89 -2.53
N GLN C 109 -8.78 -10.56 -1.63
CA GLN C 109 -9.03 -11.97 -1.34
C GLN C 109 -10.44 -12.19 -0.81
N LEU C 110 -10.84 -11.38 0.17
CA LEU C 110 -12.16 -11.50 0.80
C LEU C 110 -13.30 -11.33 -0.21
N LYS C 111 -13.14 -10.41 -1.15
CA LYS C 111 -14.12 -10.26 -2.22
C LYS C 111 -13.91 -11.30 -3.34
N LEU C 112 -12.66 -11.69 -3.58
CA LEU C 112 -12.34 -12.75 -4.54
C LEU C 112 -13.12 -14.03 -4.22
N LEU C 113 -13.09 -14.41 -2.94
CA LEU C 113 -13.77 -15.60 -2.46
C LEU C 113 -15.28 -15.46 -2.56
N LYS C 114 -15.78 -14.32 -2.07
CA LYS C 114 -17.21 -14.01 -2.06
C LYS C 114 -17.78 -14.04 -3.48
N GLU C 115 -16.94 -13.70 -4.46
CA GLU C 115 -17.39 -13.64 -5.84
C GLU C 115 -17.22 -14.95 -6.60
N LYS C 116 -16.04 -15.57 -6.50
CA LYS C 116 -15.79 -16.83 -7.23
C LYS C 116 -16.43 -18.07 -6.57
N TYR C 117 -16.59 -18.03 -5.25
CA TYR C 117 -17.02 -19.20 -4.48
C TYR C 117 -18.20 -18.97 -3.53
N GLY C 118 -18.53 -17.70 -3.29
CA GLY C 118 -19.73 -17.31 -2.56
C GLY C 118 -19.84 -17.80 -1.13
N ILE C 119 -18.76 -17.66 -0.37
CA ILE C 119 -18.82 -17.96 1.06
C ILE C 119 -18.90 -16.65 1.85
N ASN C 120 -19.41 -16.75 3.07
CA ASN C 120 -19.52 -15.63 3.99
C ASN C 120 -18.23 -14.80 4.07
N THR C 121 -18.40 -13.48 4.17
CA THR C 121 -17.29 -12.53 4.21
C THR C 121 -17.16 -11.94 5.62
N ASP C 122 -18.28 -11.93 6.33
CA ASP C 122 -18.41 -11.29 7.65
C ASP C 122 -17.48 -11.86 8.72
N PRO C 123 -17.07 -11.01 9.69
CA PRO C 123 -16.40 -11.48 10.92
C PRO C 123 -17.26 -12.47 11.71
N PRO C 124 -16.65 -13.26 12.61
CA PRO C 124 -17.34 -14.32 13.37
C PRO C 124 -18.48 -13.86 14.29
N LYS C 125 -19.08 -14.81 15.02
CA LYS C 125 -20.25 -14.58 15.86
C LYS C 125 -20.03 -13.54 16.97
N GLU D 10 -32.86 -30.83 2.39
CA GLU D 10 -32.96 -30.84 0.90
C GLU D 10 -32.25 -29.63 0.28
N ARG D 11 -32.02 -29.73 -1.03
CA ARG D 11 -31.61 -28.60 -1.90
C ARG D 11 -30.32 -27.84 -1.53
N GLU D 12 -30.36 -26.99 -0.50
CA GLU D 12 -29.19 -26.14 -0.15
C GLU D 12 -28.34 -26.61 1.08
N ILE D 13 -28.82 -27.59 1.82
CA ILE D 13 -27.95 -28.35 2.74
C ILE D 13 -27.00 -29.22 1.90
N ASP D 14 -27.44 -29.55 0.68
CA ASP D 14 -26.55 -30.11 -0.34
C ASP D 14 -25.53 -29.06 -0.75
N GLU D 15 -25.99 -27.82 -0.93
CA GLU D 15 -25.10 -26.72 -1.30
C GLU D 15 -24.01 -26.53 -0.24
N ARG D 16 -24.39 -26.67 1.03
CA ARG D 16 -23.47 -26.55 2.17
C ARG D 16 -22.53 -27.75 2.27
N ASN D 17 -22.78 -28.76 1.45
CA ASN D 17 -22.15 -30.08 1.55
C ASN D 17 -21.76 -30.65 0.18
N ARG D 18 -21.43 -29.76 -0.75
CA ARG D 18 -21.02 -30.14 -2.08
C ARG D 18 -19.53 -30.47 -2.10
N PRO D 19 -19.10 -31.44 -2.94
CA PRO D 19 -17.68 -31.70 -3.22
C PRO D 19 -16.83 -30.44 -3.46
N LEU D 20 -15.57 -30.46 -3.04
CA LEU D 20 -14.69 -29.29 -3.12
C LEU D 20 -13.44 -29.61 -3.90
N SER D 21 -13.08 -28.74 -4.83
CA SER D 21 -11.88 -28.96 -5.61
C SER D 21 -10.67 -28.47 -4.82
N ASP D 22 -9.55 -29.16 -4.98
CA ASP D 22 -8.28 -28.71 -4.38
C ASP D 22 -8.04 -27.23 -4.68
N GLU D 23 -8.39 -26.83 -5.90
CA GLU D 23 -8.27 -25.46 -6.37
C GLU D 23 -9.17 -24.50 -5.56
N GLU D 24 -10.40 -24.95 -5.30
CA GLU D 24 -11.35 -24.24 -4.45
C GLU D 24 -10.72 -24.03 -3.08
N LEU D 25 -10.23 -25.13 -2.50
CA LEU D 25 -9.60 -25.12 -1.17
C LEU D 25 -8.38 -24.23 -1.03
N ASP D 26 -7.54 -24.17 -2.05
CA ASP D 26 -6.32 -23.35 -1.99
C ASP D 26 -6.61 -21.89 -1.67
N ALA D 27 -7.62 -21.33 -2.33
CA ALA D 27 -8.04 -19.95 -2.10
C ALA D 27 -8.65 -19.77 -0.72
N MET D 28 -8.97 -20.87 -0.06
CA MET D 28 -9.64 -20.83 1.24
C MET D 28 -8.70 -20.42 2.37
N PHE D 29 -7.39 -20.64 2.19
CA PHE D 29 -6.44 -20.56 3.31
C PHE D 29 -5.32 -19.54 3.15
N PRO D 30 -4.97 -18.85 4.27
CA PRO D 30 -3.84 -17.93 4.28
C PRO D 30 -2.53 -18.67 4.13
N GLU D 31 -1.44 -17.93 3.93
CA GLU D 31 -0.11 -18.54 3.76
C GLU D 31 0.36 -19.18 5.06
N GLY D 32 1.45 -19.93 4.97
CA GLY D 32 2.12 -20.47 6.14
C GLY D 32 1.64 -21.83 6.60
N TYR D 33 0.83 -22.49 5.77
CA TYR D 33 0.30 -23.80 6.12
C TYR D 33 0.75 -24.83 5.10
N LYS D 34 1.18 -26.00 5.59
CA LYS D 34 1.59 -27.10 4.73
C LYS D 34 0.54 -28.23 4.72
N VAL D 35 0.20 -28.73 3.53
CA VAL D 35 -0.81 -29.79 3.39
C VAL D 35 -0.26 -31.16 3.77
N LEU D 36 -0.88 -31.79 4.76
CA LEU D 36 -0.49 -33.12 5.19
C LEU D 36 -0.93 -34.18 4.20
#